data_4RU3
#
_entry.id   4RU3
#
_cell.length_a   84.540
_cell.length_b   84.540
_cell.length_c   84.540
_cell.angle_alpha   90.00
_cell.angle_beta   90.00
_cell.angle_gamma   90.00
#
_symmetry.space_group_name_H-M   'P 21 3'
#
loop_
_entity.id
_entity.type
_entity.pdbx_description
1 polymer 'puncturing protein gp41'
2 non-polymer 'FE (III) ION'
3 non-polymer 'CALCIUM ION'
4 non-polymer GLYCEROL
5 water water
#
_entity_poly.entity_id   1
_entity_poly.type   'polypeptide(L)'
_entity_poly.pdbx_seq_one_letter_code
;GSNISLTSAKAPDRTRLIAALDARSRRDALDFEVMIPAQVVQYDRAENIATIQPLITWVDTEHNAVQRHQLVDIPVISMG
AGGFHISFPIQQGDIGWIYAADRDTSQFLESLSMSKPNTGRIHKFEHGLFIPDVFRRYTINSEDSAAMVIQSTSGATRIS
IRGDNIKITAPSNVTVDTPQANFTGSVTIANTLVVNGVNVNNHGHLENNPPDARTKGGMIA
;
_entity_poly.pdbx_strand_id   A
#
loop_
_chem_comp.id
_chem_comp.type
_chem_comp.name
_chem_comp.formula
CA non-polymer 'CALCIUM ION' 'Ca 2'
FE non-polymer 'FE (III) ION' 'Fe 3'
GOL non-polymer GLYCEROL 'C3 H8 O3'
#
# COMPACT_ATOMS: atom_id res chain seq x y z
N LEU A 17 -43.61 -3.14 31.72
CA LEU A 17 -42.20 -2.76 31.73
C LEU A 17 -41.69 -2.40 30.32
N ILE A 18 -40.73 -1.48 30.26
CA ILE A 18 -40.21 -1.02 28.97
C ILE A 18 -38.70 -1.22 28.83
N ALA A 19 -38.05 -1.64 29.92
CA ALA A 19 -36.62 -1.95 29.91
C ALA A 19 -36.32 -3.04 28.89
N ALA A 20 -37.33 -3.84 28.59
CA ALA A 20 -37.23 -4.95 27.65
C ALA A 20 -36.62 -4.54 26.32
N LEU A 21 -37.24 -3.56 25.67
CA LEU A 21 -36.72 -3.13 24.39
C LEU A 21 -35.39 -2.40 24.51
N ASP A 22 -35.13 -1.74 25.64
CA ASP A 22 -33.79 -1.16 25.84
C ASP A 22 -32.73 -2.24 25.76
N ALA A 23 -32.99 -3.37 26.39
CA ALA A 23 -32.04 -4.49 26.41
C ALA A 23 -31.85 -5.01 25.00
N ARG A 24 -32.96 -5.18 24.29
CA ARG A 24 -32.95 -5.66 22.92
C ARG A 24 -32.12 -4.77 22.01
N SER A 25 -32.41 -3.47 22.10
CA SER A 25 -31.76 -2.48 21.24
C SER A 25 -30.24 -2.54 21.41
N ARG A 26 -29.82 -2.63 22.65
CA ARG A 26 -28.41 -2.71 22.98
C ARG A 26 -27.79 -3.97 22.40
N ARG A 27 -28.45 -5.12 22.62
N ARG A 27 -28.48 -5.09 22.61
CA ARG A 27 -27.94 -6.39 22.12
CA ARG A 27 -28.02 -6.39 22.15
C ARG A 27 -27.79 -6.35 20.61
C ARG A 27 -27.82 -6.38 20.63
N ASP A 28 -28.82 -5.85 19.95
CA ASP A 28 -28.82 -5.81 18.50
C ASP A 28 -27.72 -4.90 17.98
N ALA A 29 -27.48 -3.76 18.63
CA ALA A 29 -26.40 -2.87 18.20
C ALA A 29 -25.01 -3.50 18.41
N LEU A 30 -24.83 -4.20 19.53
CA LEU A 30 -23.59 -4.89 19.79
C LEU A 30 -23.32 -5.98 18.75
N ASP A 31 -24.36 -6.66 18.30
CA ASP A 31 -24.19 -7.77 17.37
C ASP A 31 -23.96 -7.33 15.93
N PHE A 32 -24.29 -6.08 15.65
CA PHE A 32 -24.24 -5.54 14.29
C PHE A 32 -22.82 -4.99 14.12
N GLU A 33 -22.04 -5.63 13.27
CA GLU A 33 -20.64 -5.25 13.04
C GLU A 33 -20.55 -4.31 11.84
N VAL A 34 -19.65 -3.33 11.94
CA VAL A 34 -19.41 -2.32 10.90
C VAL A 34 -17.92 -2.18 10.61
N MET A 35 -17.13 -1.73 11.61
CA MET A 35 -15.73 -1.42 11.35
C MET A 35 -14.95 -1.50 12.65
N ILE A 36 -13.78 -2.14 12.62
CA ILE A 36 -12.94 -2.18 13.81
C ILE A 36 -11.47 -2.30 13.37
N PRO A 37 -10.52 -1.78 14.17
CA PRO A 37 -9.11 -2.02 13.85
C PRO A 37 -8.77 -3.52 13.90
N ALA A 38 -7.81 -3.93 13.09
CA ALA A 38 -7.49 -5.35 12.96
C ALA A 38 -6.11 -5.55 12.42
N GLN A 39 -5.65 -6.80 12.50
CA GLN A 39 -4.27 -7.17 12.16
C GLN A 39 -4.23 -8.35 11.20
N VAL A 40 -3.23 -8.35 10.31
CA VAL A 40 -3.02 -9.46 9.40
C VAL A 40 -2.33 -10.63 10.12
N VAL A 41 -2.99 -11.79 10.11
CA VAL A 41 -2.37 -13.02 10.57
C VAL A 41 -1.60 -13.73 9.43
N GLN A 42 -2.18 -13.76 8.24
N GLN A 42 -2.20 -13.75 8.24
CA GLN A 42 -1.57 -14.39 7.07
CA GLN A 42 -1.62 -14.41 7.08
C GLN A 42 -2.15 -13.69 5.87
C GLN A 42 -2.19 -13.76 5.82
N TYR A 43 -1.38 -13.61 4.79
CA TYR A 43 -1.79 -12.92 3.59
C TYR A 43 -1.29 -13.63 2.36
N ASP A 44 -2.15 -13.78 1.35
CA ASP A 44 -1.77 -14.37 0.07
C ASP A 44 -1.90 -13.25 -0.95
N ARG A 45 -0.79 -12.80 -1.51
CA ARG A 45 -0.80 -11.64 -2.40
C ARG A 45 -1.38 -11.97 -3.78
N ALA A 46 -1.31 -13.24 -4.19
CA ALA A 46 -1.86 -13.60 -5.49
C ALA A 46 -3.39 -13.62 -5.47
N GLU A 47 -3.96 -14.22 -4.43
CA GLU A 47 -5.41 -14.26 -4.25
C GLU A 47 -5.94 -13.00 -3.55
N ASN A 48 -5.03 -12.22 -2.99
CA ASN A 48 -5.34 -10.94 -2.34
C ASN A 48 -6.38 -11.14 -1.24
N ILE A 49 -6.11 -12.10 -0.37
CA ILE A 49 -6.96 -12.39 0.78
C ILE A 49 -6.11 -12.62 2.00
N ALA A 50 -6.71 -12.41 3.17
CA ALA A 50 -6.01 -12.51 4.44
C ALA A 50 -6.82 -13.20 5.50
N THR A 51 -6.11 -13.80 6.45
CA THR A 51 -6.70 -14.11 7.75
C THR A 51 -6.45 -12.90 8.64
N ILE A 52 -7.51 -12.44 9.32
CA ILE A 52 -7.48 -11.18 10.02
C ILE A 52 -7.88 -11.38 11.48
N GLN A 53 -7.18 -10.71 12.38
CA GLN A 53 -7.47 -10.77 13.84
C GLN A 53 -7.91 -9.38 14.29
N PRO A 54 -9.20 -9.21 14.64
CA PRO A 54 -9.58 -7.90 15.22
C PRO A 54 -8.79 -7.56 16.47
N LEU A 55 -8.52 -6.27 16.66
CA LEU A 55 -7.66 -5.79 17.72
C LEU A 55 -8.38 -5.12 18.89
N ILE A 56 -9.71 -5.16 18.93
CA ILE A 56 -10.44 -4.71 20.11
C ILE A 56 -11.27 -5.87 20.59
N THR A 57 -11.16 -6.15 21.88
CA THR A 57 -11.86 -7.26 22.48
C THR A 57 -13.26 -6.78 22.66
N TRP A 58 -14.10 -7.70 23.06
N TRP A 58 -14.14 -7.72 22.98
CA TRP A 58 -15.44 -7.34 23.39
CA TRP A 58 -15.50 -7.36 23.32
C TRP A 58 -15.77 -7.82 24.78
C TRP A 58 -15.84 -7.85 24.73
N VAL A 59 -16.53 -7.02 25.51
CA VAL A 59 -16.91 -7.35 26.88
C VAL A 59 -18.12 -8.27 26.83
N ASP A 60 -18.03 -9.42 27.47
CA ASP A 60 -19.17 -10.33 27.52
C ASP A 60 -20.03 -10.10 28.75
N THR A 61 -21.10 -10.90 28.88
CA THR A 61 -22.08 -10.73 29.96
C THR A 61 -21.44 -10.87 31.33
N GLU A 62 -20.28 -11.51 31.33
CA GLU A 62 -19.58 -11.90 32.53
C GLU A 62 -18.63 -10.76 32.91
N HIS A 63 -18.65 -9.72 32.08
CA HIS A 63 -17.82 -8.51 32.24
C HIS A 63 -16.34 -8.79 31.96
N ASN A 64 -16.08 -9.92 31.32
CA ASN A 64 -14.77 -10.30 30.83
C ASN A 64 -14.58 -9.71 29.45
N ALA A 65 -13.51 -8.97 29.22
CA ALA A 65 -13.24 -8.57 27.86
C ALA A 65 -12.37 -9.68 27.28
N VAL A 66 -12.73 -10.19 26.11
CA VAL A 66 -11.99 -11.31 25.51
C VAL A 66 -11.67 -11.13 24.03
N GLN A 67 -10.59 -11.78 23.59
CA GLN A 67 -10.14 -11.69 22.19
C GLN A 67 -11.16 -12.26 21.20
N ARG A 68 -11.39 -11.55 20.10
CA ARG A 68 -12.32 -11.99 19.07
C ARG A 68 -11.71 -13.08 18.22
N HIS A 69 -12.58 -13.84 17.53
N HIS A 69 -12.45 -13.77 17.43
CA HIS A 69 -12.22 -14.90 16.54
CA HIS A 69 -11.61 -14.68 16.75
C HIS A 69 -11.34 -14.30 15.38
C HIS A 69 -11.31 -14.29 15.33
N GLN A 70 -10.45 -15.08 14.77
CA GLN A 70 -9.92 -14.76 13.45
C GLN A 70 -11.02 -14.87 12.40
N LEU A 71 -10.86 -14.07 11.33
CA LEU A 71 -11.67 -14.15 10.13
C LEU A 71 -10.79 -14.66 8.99
N VAL A 72 -11.28 -15.60 8.19
CA VAL A 72 -10.47 -16.15 7.10
C VAL A 72 -10.96 -15.65 5.76
N ASP A 73 -10.08 -15.70 4.77
CA ASP A 73 -10.43 -15.48 3.37
C ASP A 73 -11.01 -14.08 3.16
N ILE A 74 -10.50 -13.10 3.92
CA ILE A 74 -10.98 -11.73 3.82
C ILE A 74 -10.25 -11.00 2.69
N PRO A 75 -10.98 -10.48 1.69
CA PRO A 75 -10.31 -9.69 0.65
C PRO A 75 -9.65 -8.46 1.30
N VAL A 76 -8.46 -8.15 0.81
CA VAL A 76 -7.74 -6.94 1.22
C VAL A 76 -7.86 -5.95 0.06
N ILE A 77 -8.29 -4.71 0.31
CA ILE A 77 -8.49 -3.84 -0.83
C ILE A 77 -7.21 -3.68 -1.63
N SER A 78 -7.33 -3.68 -2.95
CA SER A 78 -6.29 -3.18 -3.82
C SER A 78 -6.91 -2.07 -4.64
N MET A 79 -6.77 -0.82 -4.16
N MET A 79 -6.75 -0.85 -4.18
CA MET A 79 -7.43 0.28 -4.83
CA MET A 79 -7.49 0.20 -4.79
C MET A 79 -7.00 0.34 -6.30
C MET A 79 -7.02 0.40 -6.25
N GLY A 80 -7.99 0.46 -7.17
CA GLY A 80 -7.66 0.50 -8.58
C GLY A 80 -8.88 0.34 -9.43
N ALA A 81 -8.72 0.65 -10.70
CA ALA A 81 -9.78 0.53 -11.68
C ALA A 81 -9.15 0.83 -13.05
N GLY A 82 -9.88 0.53 -14.12
CA GLY A 82 -9.43 0.89 -15.45
C GLY A 82 -8.14 0.25 -15.92
N GLY A 83 -7.75 -0.84 -15.26
CA GLY A 83 -6.52 -1.52 -15.60
C GLY A 83 -5.29 -1.11 -14.81
N PHE A 84 -5.49 -0.40 -13.68
CA PHE A 84 -4.36 0.08 -12.86
C PHE A 84 -4.70 -0.11 -11.41
N HIS A 85 -3.69 -0.27 -10.55
CA HIS A 85 -3.97 -0.46 -9.11
C HIS A 85 -2.71 -0.17 -8.30
N ILE A 86 -2.92 -0.17 -6.97
CA ILE A 86 -1.86 0.02 -6.00
C ILE A 86 -1.85 -1.19 -5.07
N SER A 87 -0.68 -1.80 -4.90
CA SER A 87 -0.55 -2.99 -4.07
C SER A 87 0.64 -2.87 -3.13
N PHE A 88 0.41 -3.08 -1.85
CA PHE A 88 1.45 -3.06 -0.84
C PHE A 88 1.90 -4.50 -0.50
N PRO A 89 3.17 -4.68 -0.09
CA PRO A 89 3.71 -6.02 0.22
C PRO A 89 3.36 -6.38 1.67
N ILE A 90 2.07 -6.62 1.89
CA ILE A 90 1.52 -6.83 3.23
C ILE A 90 2.22 -7.99 3.92
N GLN A 91 2.55 -7.78 5.18
N GLN A 91 2.56 -7.79 5.19
CA GLN A 91 3.21 -8.74 6.04
CA GLN A 91 3.21 -8.79 6.00
C GLN A 91 2.36 -9.09 7.25
C GLN A 91 2.35 -9.16 7.20
N GLN A 92 2.58 -10.29 7.76
N GLN A 92 2.67 -10.31 7.81
CA GLN A 92 2.01 -10.68 9.05
CA GLN A 92 2.02 -10.69 9.05
C GLN A 92 2.30 -9.59 10.06
C GLN A 92 2.32 -9.66 10.12
N GLY A 93 1.29 -9.21 10.81
CA GLY A 93 1.45 -8.20 11.83
C GLY A 93 1.03 -6.80 11.39
N ASP A 94 0.91 -6.56 10.09
CA ASP A 94 0.46 -5.25 9.64
C ASP A 94 -0.99 -5.00 10.09
N ILE A 95 -1.31 -3.72 10.29
CA ILE A 95 -2.61 -3.36 10.84
C ILE A 95 -3.46 -2.56 9.86
N GLY A 96 -4.69 -2.24 10.26
CA GLY A 96 -5.64 -1.63 9.37
C GLY A 96 -7.00 -1.77 9.97
N TRP A 97 -8.03 -1.73 9.13
CA TRP A 97 -9.42 -1.71 9.55
C TRP A 97 -10.17 -2.80 8.78
N ILE A 98 -10.93 -3.60 9.51
CA ILE A 98 -11.85 -4.55 8.86
C ILE A 98 -13.27 -3.97 8.92
N TYR A 99 -13.91 -4.09 7.77
CA TYR A 99 -15.30 -3.67 7.59
C TYR A 99 -16.16 -4.90 7.38
N ALA A 100 -17.39 -4.88 7.89
CA ALA A 100 -18.35 -5.97 7.73
C ALA A 100 -19.31 -5.68 6.58
N ALA A 101 -19.42 -6.63 5.64
CA ALA A 101 -20.39 -6.52 4.55
C ALA A 101 -21.80 -6.81 5.06
N ASP A 102 -22.77 -6.30 4.31
CA ASP A 102 -24.15 -6.51 4.73
C ASP A 102 -24.59 -7.96 4.67
N ARG A 103 -23.99 -8.73 3.77
CA ARG A 103 -24.44 -10.10 3.47
C ARG A 103 -23.23 -10.94 3.12
N ASP A 104 -23.44 -12.26 3.06
CA ASP A 104 -22.37 -13.17 2.67
C ASP A 104 -21.83 -12.87 1.28
N THR A 105 -20.53 -12.68 1.19
CA THR A 105 -19.83 -12.32 -0.04
C THR A 105 -19.12 -13.52 -0.71
N SER A 106 -19.28 -14.71 -0.14
CA SER A 106 -18.44 -15.82 -0.58
C SER A 106 -18.66 -16.23 -2.02
N GLN A 107 -19.91 -16.23 -2.47
CA GLN A 107 -20.14 -16.57 -3.86
C GLN A 107 -19.68 -15.46 -4.81
N PHE A 108 -19.90 -14.20 -4.42
CA PHE A 108 -19.43 -13.07 -5.18
C PHE A 108 -17.90 -13.21 -5.35
N LEU A 109 -17.18 -13.60 -4.30
CA LEU A 109 -15.71 -13.66 -4.37
C LEU A 109 -15.23 -14.78 -5.29
N GLU A 110 -16.03 -15.82 -5.42
CA GLU A 110 -15.66 -16.89 -6.32
C GLU A 110 -15.65 -16.44 -7.76
N SER A 111 -16.65 -15.66 -8.13
CA SER A 111 -16.93 -15.29 -9.50
C SER A 111 -16.56 -13.86 -9.86
N LEU A 112 -16.39 -13.03 -8.83
CA LEU A 112 -16.34 -11.56 -8.97
C LEU A 112 -17.51 -11.03 -9.83
N SER A 113 -18.67 -11.65 -9.70
N SER A 113 -18.66 -11.67 -9.70
CA SER A 113 -19.83 -11.22 -10.47
CA SER A 113 -19.84 -11.36 -10.49
C SER A 113 -21.10 -11.39 -9.65
C SER A 113 -21.10 -11.35 -9.63
N MET A 114 -22.22 -11.01 -10.25
CA MET A 114 -23.50 -10.94 -9.55
C MET A 114 -23.79 -12.27 -8.88
N SER A 115 -24.17 -12.21 -7.62
CA SER A 115 -24.28 -13.42 -6.81
C SER A 115 -25.31 -13.35 -5.70
N LYS A 116 -25.68 -14.51 -5.19
N LYS A 116 -25.67 -14.53 -5.20
CA LYS A 116 -26.54 -14.61 -4.01
CA LYS A 116 -26.52 -14.67 -4.02
C LYS A 116 -25.67 -14.84 -2.78
C LYS A 116 -25.65 -14.83 -2.78
N PRO A 117 -26.20 -14.53 -1.60
CA PRO A 117 -25.50 -14.94 -0.37
C PRO A 117 -25.65 -16.46 -0.19
N ASN A 118 -24.59 -17.13 0.24
N ASN A 118 -24.60 -17.12 0.25
CA ASN A 118 -24.72 -18.56 0.48
CA ASN A 118 -24.64 -18.56 0.48
C ASN A 118 -25.35 -18.79 1.83
C ASN A 118 -25.27 -18.81 1.84
N THR A 119 -25.24 -17.79 2.70
CA THR A 119 -25.81 -17.90 4.05
C THR A 119 -26.61 -16.69 4.49
N GLY A 120 -27.17 -16.79 5.70
CA GLY A 120 -28.07 -15.81 6.28
C GLY A 120 -27.47 -14.83 7.28
N ARG A 121 -26.19 -15.02 7.62
N ARG A 121 -26.20 -15.04 7.65
CA ARG A 121 -25.46 -14.08 8.48
CA ARG A 121 -25.49 -14.07 8.48
C ARG A 121 -25.23 -12.71 7.86
C ARG A 121 -25.38 -12.71 7.82
N ILE A 122 -25.65 -11.67 8.59
CA ILE A 122 -25.63 -10.33 8.08
C ILE A 122 -24.82 -9.44 9.03
N HIS A 123 -24.14 -8.45 8.44
CA HIS A 123 -23.40 -7.48 9.23
C HIS A 123 -22.43 -8.14 10.19
N LYS A 124 -21.59 -9.02 9.67
CA LYS A 124 -20.55 -9.70 10.44
C LYS A 124 -19.20 -9.59 9.72
N PHE A 125 -18.14 -9.42 10.50
CA PHE A 125 -16.78 -9.34 9.94
C PHE A 125 -16.36 -10.59 9.19
N GLU A 126 -17.00 -11.73 9.46
CA GLU A 126 -16.73 -12.94 8.77
C GLU A 126 -16.74 -12.74 7.27
N HIS A 127 -17.61 -11.87 6.78
CA HIS A 127 -17.60 -11.50 5.37
C HIS A 127 -17.37 -10.03 5.30
N GLY A 128 -16.15 -9.67 5.01
CA GLY A 128 -15.73 -8.31 5.15
C GLY A 128 -14.68 -7.91 4.16
N LEU A 129 -14.10 -6.75 4.43
CA LEU A 129 -13.05 -6.17 3.64
C LEU A 129 -12.02 -5.61 4.60
N PHE A 130 -10.74 -5.87 4.37
CA PHE A 130 -9.67 -5.27 5.15
C PHE A 130 -8.99 -4.15 4.35
N ILE A 131 -8.82 -2.99 4.99
CA ILE A 131 -8.09 -1.87 4.41
C ILE A 131 -6.84 -1.63 5.27
N PRO A 132 -5.66 -1.88 4.72
N PRO A 132 -5.65 -1.82 4.69
CA PRO A 132 -4.42 -1.66 5.47
CA PRO A 132 -4.44 -1.61 5.48
C PRO A 132 -4.22 -0.16 5.76
C PRO A 132 -4.18 -0.12 5.75
N ASP A 133 -3.75 0.15 6.96
CA ASP A 133 -3.47 1.53 7.41
C ASP A 133 -2.22 1.45 8.28
N VAL A 134 -1.22 2.28 8.01
CA VAL A 134 -0.01 2.32 8.85
C VAL A 134 -0.19 3.17 10.09
N PHE A 135 -1.32 3.88 10.21
CA PHE A 135 -1.56 4.74 11.37
C PHE A 135 -0.45 5.78 11.42
N ARG A 136 0.25 5.93 12.56
CA ARG A 136 1.29 6.94 12.68
C ARG A 136 2.70 6.36 12.53
N ARG A 137 2.83 5.10 12.10
N ARG A 137 2.83 5.11 12.11
CA ARG A 137 4.13 4.44 12.08
CA ARG A 137 4.14 4.48 12.08
C ARG A 137 4.88 4.78 10.78
C ARG A 137 4.84 4.80 10.77
N TYR A 138 5.31 6.04 10.69
CA TYR A 138 6.06 6.54 9.53
C TYR A 138 6.79 7.82 9.96
N THR A 139 7.68 8.28 9.08
CA THR A 139 8.38 9.54 9.21
C THR A 139 8.28 10.34 7.94
N ILE A 140 7.81 11.59 8.06
CA ILE A 140 7.79 12.52 6.94
C ILE A 140 9.02 13.45 7.04
N ASN A 141 9.86 13.50 6.01
CA ASN A 141 10.97 14.45 5.99
C ASN A 141 10.43 15.88 5.96
N SER A 142 11.14 16.81 6.61
N SER A 142 11.15 16.79 6.61
N SER A 142 11.16 16.78 6.61
CA SER A 142 10.63 18.18 6.67
CA SER A 142 10.71 18.18 6.68
CA SER A 142 10.75 18.19 6.69
C SER A 142 10.46 18.80 5.28
C SER A 142 10.54 18.86 5.33
C SER A 142 10.53 18.84 5.32
N GLU A 143 11.31 18.43 4.33
CA GLU A 143 11.17 19.00 3.00
C GLU A 143 9.86 18.61 2.33
N ASP A 144 9.19 17.58 2.85
CA ASP A 144 7.95 17.07 2.26
C ASP A 144 6.73 17.54 3.04
N SER A 145 6.89 18.54 3.91
CA SER A 145 5.81 18.91 4.79
C SER A 145 4.55 19.36 4.04
N ALA A 146 4.69 19.95 2.84
CA ALA A 146 3.59 20.39 2.02
C ALA A 146 3.40 19.49 0.77
N ALA A 147 3.99 18.30 0.74
CA ALA A 147 3.98 17.43 -0.42
C ALA A 147 3.20 16.16 -0.14
N MET A 148 2.74 15.55 -1.21
CA MET A 148 2.29 14.17 -1.12
C MET A 148 3.50 13.25 -1.24
N VAL A 149 3.57 12.21 -0.40
CA VAL A 149 4.63 11.25 -0.55
C VAL A 149 4.07 9.85 -0.73
N ILE A 150 4.71 9.11 -1.62
N ILE A 150 4.75 9.11 -1.61
N ILE A 150 4.80 9.09 -1.54
CA ILE A 150 4.53 7.67 -1.68
CA ILE A 150 4.63 7.68 -1.78
CA ILE A 150 4.61 7.66 -1.79
C ILE A 150 5.94 7.14 -1.35
C ILE A 150 5.98 7.13 -1.36
C ILE A 150 5.97 7.09 -1.39
N GLN A 151 6.05 6.40 -0.25
CA GLN A 151 7.39 6.20 0.32
C GLN A 151 7.48 5.00 1.21
N SER A 152 8.72 4.56 1.43
CA SER A 152 8.95 3.70 2.57
C SER A 152 8.52 4.43 3.85
N THR A 153 8.02 3.69 4.85
CA THR A 153 7.60 4.33 6.09
C THR A 153 8.77 4.98 6.83
N SER A 154 10.00 4.55 6.55
CA SER A 154 11.17 5.20 7.11
C SER A 154 11.39 6.60 6.56
N GLY A 155 10.75 6.89 5.43
CA GLY A 155 11.00 8.13 4.74
C GLY A 155 12.23 8.15 3.86
N ALA A 156 13.00 7.07 3.84
CA ALA A 156 14.27 7.10 3.12
C ALA A 156 14.12 7.02 1.60
N THR A 157 13.11 6.30 1.11
CA THR A 157 12.94 6.07 -0.32
C THR A 157 11.57 6.63 -0.65
N ARG A 158 11.50 7.61 -1.55
CA ARG A 158 10.24 8.33 -1.68
C ARG A 158 10.06 8.94 -3.06
N ILE A 159 8.79 9.04 -3.43
CA ILE A 159 8.38 9.90 -4.53
C ILE A 159 7.56 11.00 -3.87
N SER A 160 8.01 12.25 -4.07
CA SER A 160 7.37 13.40 -3.43
C SER A 160 6.82 14.31 -4.51
N ILE A 161 5.52 14.54 -4.45
CA ILE A 161 4.84 15.35 -5.46
CA ILE A 161 4.83 15.35 -5.44
C ILE A 161 4.47 16.70 -4.81
N ARG A 162 4.93 17.78 -5.45
CA ARG A 162 4.70 19.14 -4.98
C ARG A 162 3.90 19.88 -6.04
N GLY A 163 3.56 21.14 -5.78
CA GLY A 163 2.68 21.83 -6.70
C GLY A 163 3.27 22.00 -8.08
N ASP A 164 4.59 22.18 -8.21
CA ASP A 164 5.18 22.39 -9.53
C ASP A 164 6.41 21.54 -9.81
N ASN A 165 6.72 20.56 -8.93
CA ASN A 165 7.92 19.75 -9.13
C ASN A 165 7.71 18.39 -8.48
N ILE A 166 8.54 17.43 -8.89
CA ILE A 166 8.52 16.09 -8.32
C ILE A 166 9.95 15.73 -7.98
N LYS A 167 10.12 15.18 -6.77
CA LYS A 167 11.45 14.78 -6.30
CA LYS A 167 11.45 14.77 -6.33
C LYS A 167 11.38 13.31 -5.98
N ILE A 168 12.29 12.51 -6.55
CA ILE A 168 12.38 11.08 -6.34
C ILE A 168 13.69 10.81 -5.65
N THR A 169 13.65 10.24 -4.43
CA THR A 169 14.84 10.04 -3.62
C THR A 169 15.01 8.58 -3.30
N ALA A 170 16.24 8.06 -3.44
CA ALA A 170 16.48 6.68 -3.04
C ALA A 170 17.94 6.57 -2.62
N PRO A 171 18.22 5.93 -1.48
CA PRO A 171 19.60 5.85 -1.00
C PRO A 171 20.50 5.00 -1.89
N SER A 172 19.98 3.98 -2.59
CA SER A 172 20.79 3.11 -3.40
C SER A 172 20.76 3.51 -4.88
N ASN A 173 19.59 3.46 -5.51
CA ASN A 173 19.53 3.73 -6.93
C ASN A 173 18.08 3.97 -7.35
N VAL A 174 17.94 4.60 -8.51
CA VAL A 174 16.69 4.62 -9.23
C VAL A 174 16.98 4.00 -10.58
N THR A 175 16.26 2.94 -10.93
CA THR A 175 16.48 2.25 -12.20
C THR A 175 15.23 2.43 -13.07
N VAL A 176 15.46 2.87 -14.32
CA VAL A 176 14.41 3.08 -15.30
C VAL A 176 14.62 2.04 -16.38
N ASP A 177 13.75 1.03 -16.37
CA ASP A 177 13.88 -0.11 -17.24
C ASP A 177 12.88 0.03 -18.37
N THR A 178 13.34 0.61 -19.49
CA THR A 178 12.48 0.89 -20.62
C THR A 178 13.42 1.06 -21.82
N PRO A 179 12.90 0.80 -23.03
CA PRO A 179 13.81 0.93 -24.18
C PRO A 179 14.14 2.39 -24.50
N GLN A 180 13.27 3.31 -24.12
CA GLN A 180 13.41 4.71 -24.52
C GLN A 180 12.96 5.59 -23.37
N ALA A 181 13.87 6.40 -22.86
CA ALA A 181 13.55 7.40 -21.85
C ALA A 181 13.77 8.76 -22.49
N ASN A 182 12.74 9.60 -22.46
CA ASN A 182 12.76 10.89 -23.16
C ASN A 182 12.64 12.01 -22.15
N PHE A 183 13.50 13.01 -22.31
CA PHE A 183 13.44 14.23 -21.52
C PHE A 183 13.14 15.36 -22.47
N THR A 184 12.05 16.08 -22.19
CA THR A 184 11.61 17.12 -23.13
C THR A 184 12.30 18.46 -22.97
N GLY A 185 13.12 18.61 -21.95
CA GLY A 185 13.90 19.82 -21.69
C GLY A 185 15.38 19.50 -21.58
N SER A 186 16.00 20.09 -20.54
CA SER A 186 17.41 19.91 -20.26
C SER A 186 17.60 18.93 -19.11
N VAL A 187 18.84 18.44 -18.97
CA VAL A 187 19.20 17.51 -17.94
C VAL A 187 20.54 17.91 -17.39
N THR A 188 20.64 17.87 -16.08
CA THR A 188 21.92 18.13 -15.38
C THR A 188 22.26 16.94 -14.50
N ILE A 189 23.49 16.48 -14.64
CA ILE A 189 23.97 15.32 -13.91
C ILE A 189 25.16 15.78 -13.09
N ALA A 190 25.15 15.52 -11.79
CA ALA A 190 26.18 16.08 -10.91
C ALA A 190 27.52 15.45 -11.12
N ASN A 191 27.54 14.13 -11.27
CA ASN A 191 28.79 13.38 -11.18
C ASN A 191 29.19 12.73 -12.50
N THR A 192 29.17 11.40 -12.55
CA THR A 192 29.66 10.68 -13.73
C THR A 192 28.50 10.26 -14.63
N LEU A 193 28.70 10.46 -15.94
CA LEU A 193 27.83 9.91 -16.94
C LEU A 193 28.57 8.84 -17.73
N VAL A 194 28.02 7.63 -17.76
CA VAL A 194 28.53 6.51 -18.55
C VAL A 194 27.49 6.13 -19.58
N VAL A 195 27.93 6.04 -20.83
CA VAL A 195 27.04 5.68 -21.91
C VAL A 195 27.64 4.48 -22.64
N ASN A 196 26.90 3.38 -22.72
CA ASN A 196 27.39 2.16 -23.35
C ASN A 196 28.82 1.80 -22.90
N GLY A 197 29.07 1.89 -21.60
CA GLY A 197 30.38 1.51 -21.10
C GLY A 197 31.48 2.55 -21.15
N VAL A 198 31.20 3.71 -21.78
CA VAL A 198 32.21 4.77 -21.92
C VAL A 198 31.90 5.93 -20.97
N ASN A 199 32.88 6.31 -20.19
CA ASN A 199 32.79 7.47 -19.30
C ASN A 199 32.87 8.74 -20.14
N VAL A 200 31.79 9.51 -20.14
CA VAL A 200 31.70 10.71 -20.96
C VAL A 200 32.55 11.83 -20.34
N ASN A 201 32.60 11.91 -19.03
CA ASN A 201 33.36 13.00 -18.38
C ASN A 201 34.78 13.01 -18.92
N ASN A 202 35.30 11.82 -19.16
CA ASN A 202 36.71 11.64 -19.42
C ASN A 202 37.07 11.23 -20.84
N HIS A 203 36.10 11.28 -21.73
CA HIS A 203 36.25 10.72 -23.07
C HIS A 203 37.16 11.50 -24.01
N GLY A 204 37.48 10.85 -25.11
CA GLY A 204 38.22 11.50 -26.18
C GLY A 204 37.83 10.95 -27.54
N HIS A 205 38.68 11.23 -28.52
CA HIS A 205 38.43 10.98 -29.94
C HIS A 205 39.78 10.79 -30.62
N LEU A 206 39.83 9.97 -31.64
CA LEU A 206 41.02 9.86 -32.47
C LEU A 206 41.15 11.05 -33.42
N GLU A 207 42.34 11.67 -33.44
CA GLU A 207 42.68 12.74 -34.39
C GLU A 207 43.06 12.25 -35.78
N ASN A 208 42.89 13.13 -36.76
CA ASN A 208 43.46 12.89 -38.09
C ASN A 208 44.95 13.26 -38.16
N ASN A 209 45.32 14.27 -37.38
CA ASN A 209 46.72 14.66 -37.24
C ASN A 209 46.91 15.06 -35.79
N PRO A 210 47.74 14.31 -35.04
CA PRO A 210 48.55 13.16 -35.49
C PRO A 210 47.66 11.97 -35.78
N PRO A 211 47.96 11.21 -36.84
CA PRO A 211 47.04 10.15 -37.30
C PRO A 211 46.72 9.15 -36.19
N ASP A 212 45.43 9.02 -35.87
CA ASP A 212 44.94 8.01 -34.93
C ASP A 212 45.41 8.22 -33.49
N ALA A 213 45.92 9.41 -33.19
CA ALA A 213 46.25 9.79 -31.80
C ALA A 213 44.96 10.19 -31.07
N ARG A 214 44.78 9.66 -29.87
CA ARG A 214 43.65 10.09 -29.08
C ARG A 214 43.88 11.49 -28.56
N THR A 215 42.83 12.31 -28.56
CA THR A 215 42.92 13.64 -27.97
C THR A 215 43.46 13.59 -26.51
N LYS A 216 44.00 14.70 -25.99
CA LYS A 216 44.47 14.72 -24.60
C LYS A 216 43.32 14.84 -23.63
N GLY A 217 43.49 14.23 -22.47
CA GLY A 217 42.57 14.42 -21.37
C GLY A 217 41.15 13.96 -21.62
N GLY A 218 40.23 14.68 -20.98
CA GLY A 218 38.82 14.37 -21.07
C GLY A 218 37.99 15.45 -21.73
N MET A 219 36.70 15.42 -21.44
N MET A 219 36.69 15.42 -21.44
CA MET A 219 35.81 16.41 -21.97
CA MET A 219 35.77 16.43 -21.92
C MET A 219 35.99 17.73 -21.23
C MET A 219 36.00 17.74 -21.21
N ILE A 220 36.15 18.84 -21.97
CA ILE A 220 36.25 20.16 -21.33
C ILE A 220 35.20 21.04 -21.93
N ALA A 221 34.93 22.16 -21.24
CA ALA A 221 33.99 23.16 -21.71
C ALA A 221 34.32 23.60 -23.14
FE FE B . 33.71 14.72 -27.46
CA CA C . 44.66 17.52 -34.64
C1 GOL D . -6.59 -16.44 3.92
O1 GOL D . -7.36 -16.72 5.05
C2 GOL D . -5.13 -16.79 4.20
O2 GOL D . -4.96 -18.17 4.35
C3 GOL D . -4.30 -16.25 3.03
O3 GOL D . -2.92 -16.51 3.26
#